data_8X1I
#
_entry.id   8X1I
#
loop_
_entity.id
_entity.type
_entity.pdbx_description
1 polymer 'ParM present of genome of Desufitobacterium hafniense - Dh-cParM1'
2 non-polymer "ADENOSINE-5'-DIPHOSPHATE"
3 non-polymer 'MAGNESIUM ION'
#
_entity_poly.entity_id   1
_entity_poly.type   'polypeptide(L)'
_entity_poly.pdbx_seq_one_letter_code
;MFENDILVAGGDPGFGAIKLDAGDTKVLFPAVICKGNERIFSALGNGNVSRGTDEEMQTGSLDVIVTNHSTGVSRHYFMG
SLAESLNPNEAHYCWDEDKSTDEEATALLVVALAVAQKEPKANIYLGTGVPVKYYAALKDKYEAELKGTWSVAFRSGPFK
GQTRQLTIIRSRVLPQSYGVFIKETLNEYGIPISPKLFNGYVVVIDPGFRTTDVATFYDGVMLDPPNSFSIEKGLKWAYT
GVAEQLKEMTINHANPIETDDKELDKVFRVNEGMYPWNNGAINLNPVMQDMLGQLGTDISREVKKSLKPMLGKIHTVLVA
GKVGEMIFEHLQFENKVLIENPQFGNATGFRIMAANLVNNITKKANAAP
;
_entity_poly.pdbx_strand_id   B
#
loop_
_chem_comp.id
_chem_comp.type
_chem_comp.name
_chem_comp.formula
ADP non-polymer ADENOSINE-5'-DIPHOSPHATE 'C10 H15 N5 O10 P2'
MG non-polymer 'MAGNESIUM ION' 'Mg 2'
#
# COMPACT_ATOMS: atom_id res chain seq x y z
N MET A 1 -1.99 -24.74 4.71
CA MET A 1 -2.93 -23.86 4.03
C MET A 1 -4.19 -24.63 3.58
N PHE A 2 -5.14 -23.94 2.93
CA PHE A 2 -6.36 -24.56 2.41
C PHE A 2 -6.08 -25.62 1.33
N GLU A 3 -6.99 -26.58 1.22
CA GLU A 3 -6.89 -27.77 0.35
C GLU A 3 -7.16 -27.49 -1.14
N ASN A 4 -7.51 -26.25 -1.50
CA ASN A 4 -7.57 -25.76 -2.87
C ASN A 4 -6.90 -24.38 -2.96
N ASP A 5 -6.09 -24.16 -3.99
CA ASP A 5 -5.33 -22.93 -4.23
C ASP A 5 -6.17 -21.80 -4.86
N ILE A 6 -7.37 -21.58 -4.33
CA ILE A 6 -7.99 -20.25 -4.39
C ILE A 6 -7.16 -19.32 -3.50
N LEU A 7 -6.86 -18.10 -3.95
CA LEU A 7 -6.11 -17.18 -3.10
C LEU A 7 -7.00 -16.65 -1.98
N VAL A 8 -6.63 -16.94 -0.74
CA VAL A 8 -7.03 -16.14 0.41
C VAL A 8 -5.98 -15.04 0.58
N ALA A 9 -6.28 -13.82 0.14
CA ALA A 9 -5.27 -12.78 0.07
C ALA A 9 -5.78 -11.42 0.54
N GLY A 10 -4.92 -10.67 1.22
CA GLY A 10 -5.24 -9.39 1.84
C GLY A 10 -4.31 -8.30 1.34
N GLY A 11 -4.81 -7.15 0.93
CA GLY A 11 -3.96 -6.16 0.29
C GLY A 11 -4.62 -4.85 -0.10
N ASP A 12 -3.89 -4.06 -0.87
CA ASP A 12 -4.17 -2.65 -1.19
C ASP A 12 -4.45 -1.76 0.03
N PRO A 13 -3.53 -1.68 0.99
CA PRO A 13 -3.40 -0.47 1.80
C PRO A 13 -2.55 0.53 0.99
N GLY A 14 -2.97 0.85 -0.24
CA GLY A 14 -2.08 1.46 -1.24
C GLY A 14 -2.45 2.87 -1.65
N PHE A 15 -1.64 3.82 -1.20
CA PHE A 15 -1.50 5.12 -1.88
C PHE A 15 -0.05 5.39 -2.24
N GLY A 16 0.91 5.01 -1.39
CA GLY A 16 2.32 5.02 -1.75
C GLY A 16 2.68 3.78 -2.55
N ALA A 17 2.27 2.61 -2.05
CA ALA A 17 2.54 1.34 -2.69
C ALA A 17 1.38 0.37 -2.49
N ILE A 18 0.95 -0.29 -3.58
CA ILE A 18 0.11 -1.47 -3.43
C ILE A 18 1.01 -2.53 -2.81
N LYS A 19 0.47 -3.19 -1.79
CA LYS A 19 1.11 -4.29 -1.10
C LYS A 19 0.07 -5.31 -0.73
N LEU A 20 0.48 -6.57 -0.76
CA LEU A 20 -0.45 -7.68 -0.88
C LEU A 20 0.18 -8.92 -0.26
N ASP A 21 -0.55 -9.56 0.65
CA ASP A 21 -0.15 -10.75 1.36
C ASP A 21 -1.03 -11.91 0.89
N ALA A 22 -0.39 -12.95 0.33
CA ALA A 22 -1.03 -14.19 -0.13
C ALA A 22 -0.41 -15.41 0.59
N GLY A 23 0.05 -15.25 1.83
CA GLY A 23 0.60 -16.33 2.64
C GLY A 23 2.08 -16.50 2.41
N ASP A 24 2.50 -17.59 1.79
CA ASP A 24 3.90 -17.91 1.50
C ASP A 24 4.53 -17.00 0.44
N THR A 25 3.77 -16.08 -0.14
CA THR A 25 4.24 -15.12 -1.16
C THR A 25 3.55 -13.77 -1.00
N LYS A 26 4.26 -12.70 -1.39
CA LYS A 26 3.91 -11.30 -1.14
C LYS A 26 4.24 -10.46 -2.36
N VAL A 27 3.44 -9.43 -2.63
CA VAL A 27 3.64 -8.50 -3.74
C VAL A 27 3.66 -7.08 -3.22
N LEU A 28 4.55 -6.27 -3.77
CA LEU A 28 4.83 -4.91 -3.31
C LEU A 28 5.36 -4.08 -4.47
N PHE A 29 4.68 -2.98 -4.82
CA PHE A 29 5.22 -2.01 -5.77
C PHE A 29 4.62 -0.62 -5.57
N PRO A 30 5.33 0.46 -5.91
CA PRO A 30 4.81 1.80 -5.76
C PRO A 30 3.57 2.01 -6.63
N ALA A 31 2.57 2.73 -6.14
CA ALA A 31 1.25 2.84 -6.76
C ALA A 31 1.21 3.81 -7.95
N VAL A 32 2.24 3.77 -8.81
CA VAL A 32 2.36 4.63 -9.98
C VAL A 32 1.74 3.94 -11.18
N ILE A 33 0.91 4.64 -11.93
CA ILE A 33 0.27 4.12 -13.14
C ILE A 33 0.52 5.04 -14.33
N CYS A 34 0.65 4.46 -15.52
CA CYS A 34 0.68 5.17 -16.79
C CYS A 34 -0.11 4.42 -17.85
N LYS A 35 -0.93 5.11 -18.64
CA LYS A 35 -1.57 4.56 -19.84
C LYS A 35 -0.52 4.45 -20.94
N GLY A 36 0.29 3.41 -20.83
CA GLY A 36 1.52 3.24 -21.59
C GLY A 36 1.33 3.12 -23.10
N ASN A 37 2.38 3.41 -23.85
CA ASN A 37 2.45 3.25 -25.30
C ASN A 37 3.18 1.94 -25.68
N GLU A 38 3.59 1.81 -26.94
CA GLU A 38 4.22 0.60 -27.48
C GLU A 38 5.63 0.30 -26.96
N ARG A 39 6.25 1.21 -26.17
CA ARG A 39 7.65 1.16 -25.72
C ARG A 39 8.69 1.13 -26.86
N ILE A 40 8.31 1.52 -28.08
CA ILE A 40 8.99 1.11 -29.31
C ILE A 40 10.48 1.49 -29.39
N PHE A 41 10.83 2.73 -29.11
CA PHE A 41 12.23 3.20 -29.12
C PHE A 41 12.98 2.74 -27.86
N SER A 42 12.36 2.90 -26.69
CA SER A 42 12.97 2.67 -25.38
C SER A 42 13.07 1.21 -24.96
N ALA A 43 12.54 0.29 -25.77
CA ALA A 43 12.77 -1.15 -25.65
C ALA A 43 14.22 -1.57 -25.98
N LEU A 44 15.06 -0.66 -26.49
CA LEU A 44 16.48 -0.94 -26.76
C LEU A 44 17.20 -1.52 -25.54
N GLY A 45 18.15 -2.41 -25.80
CA GLY A 45 19.00 -3.05 -24.78
C GLY A 45 19.94 -2.08 -24.03
N ASN A 46 20.01 -0.81 -24.44
CA ASN A 46 20.96 0.22 -23.99
C ASN A 46 21.05 0.37 -22.45
N GLY A 47 19.92 0.16 -21.75
CA GLY A 47 19.86 0.12 -20.29
C GLY A 47 18.95 -1.00 -19.75
N ASN A 48 18.59 -1.97 -20.58
CA ASN A 48 17.59 -3.00 -20.24
C ASN A 48 18.22 -4.17 -19.47
N VAL A 49 18.69 -3.90 -18.26
CA VAL A 49 19.32 -4.87 -17.36
C VAL A 49 18.35 -5.24 -16.22
N SER A 50 18.19 -6.53 -15.94
CA SER A 50 17.37 -7.04 -14.83
C SER A 50 18.23 -7.40 -13.61
N ARG A 51 17.74 -7.07 -12.42
CA ARG A 51 18.46 -7.18 -11.14
C ARG A 51 17.68 -7.99 -10.08
N GLY A 52 16.58 -8.63 -10.48
CA GLY A 52 15.68 -9.34 -9.58
C GLY A 52 16.19 -10.70 -9.12
N THR A 53 15.69 -11.16 -7.97
CA THR A 53 16.05 -12.45 -7.34
C THR A 53 14.96 -13.53 -7.45
N ASP A 54 13.79 -13.19 -7.99
CA ASP A 54 12.65 -14.09 -8.16
C ASP A 54 11.69 -13.51 -9.20
N GLU A 55 10.73 -14.29 -9.71
CA GLU A 55 9.55 -13.72 -10.40
C GLU A 55 8.78 -12.77 -9.45
N GLU A 56 8.68 -13.12 -8.17
CA GLU A 56 8.14 -12.23 -7.15
C GLU A 56 8.88 -10.89 -7.13
N MET A 57 10.21 -10.91 -7.11
CA MET A 57 11.01 -9.69 -7.15
C MET A 57 11.16 -9.08 -8.56
N GLN A 58 10.51 -9.65 -9.58
CA GLN A 58 10.22 -8.93 -10.82
C GLN A 58 9.04 -7.95 -10.62
N THR A 59 8.41 -7.94 -9.44
CA THR A 59 7.37 -7.00 -9.05
C THR A 59 7.73 -5.57 -9.42
N GLY A 60 6.73 -4.80 -9.82
CA GLY A 60 6.92 -3.41 -10.22
C GLY A 60 7.58 -3.23 -11.58
N SER A 61 8.14 -4.27 -12.20
CA SER A 61 8.66 -4.18 -13.57
C SER A 61 7.57 -4.43 -14.62
N LEU A 62 6.36 -3.93 -14.38
CA LEU A 62 5.12 -4.47 -14.95
C LEU A 62 4.60 -3.67 -16.15
N ASP A 63 4.33 -4.39 -17.23
CA ASP A 63 3.96 -3.90 -18.55
C ASP A 63 2.81 -4.77 -19.06
N VAL A 64 1.58 -4.26 -19.01
CA VAL A 64 0.39 -5.11 -19.10
C VAL A 64 -0.73 -4.53 -19.95
N ILE A 65 -1.62 -5.42 -20.39
CA ILE A 65 -3.00 -5.07 -20.72
C ILE A 65 -3.91 -5.70 -19.68
N VAL A 66 -4.76 -4.89 -19.06
CA VAL A 66 -5.74 -5.31 -18.07
C VAL A 66 -7.11 -5.32 -18.72
N THR A 67 -7.86 -6.40 -18.54
CA THR A 67 -9.24 -6.53 -19.04
C THR A 67 -10.21 -6.74 -17.89
N ASN A 68 -11.24 -5.89 -17.84
CA ASN A 68 -12.41 -6.09 -17.00
C ASN A 68 -13.25 -7.20 -17.65
N HIS A 69 -12.88 -8.45 -17.37
CA HIS A 69 -13.53 -9.64 -17.93
C HIS A 69 -15.04 -9.66 -17.68
N SER A 70 -15.50 -9.06 -16.58
CA SER A 70 -16.94 -8.94 -16.28
C SER A 70 -17.71 -8.01 -17.23
N THR A 71 -17.02 -7.18 -18.03
CA THR A 71 -17.65 -6.23 -18.98
C THR A 71 -17.02 -6.19 -20.38
N GLY A 72 -15.95 -6.95 -20.65
CA GLY A 72 -15.38 -7.08 -21.99
C GLY A 72 -14.63 -5.83 -22.51
N VAL A 73 -14.01 -5.04 -21.62
CA VAL A 73 -13.23 -3.85 -21.99
C VAL A 73 -11.80 -3.91 -21.43
N SER A 74 -10.84 -3.31 -22.14
CA SER A 74 -9.41 -3.52 -21.93
C SER A 74 -8.62 -2.22 -22.02
N ARG A 75 -7.52 -2.10 -21.26
CA ARG A 75 -6.59 -0.95 -21.25
C ARG A 75 -5.15 -1.38 -21.04
N HIS A 76 -4.21 -0.62 -21.58
CA HIS A 76 -2.78 -0.91 -21.54
C HIS A 76 -2.07 0.00 -20.53
N TYR A 77 -1.34 -0.59 -19.59
CA TYR A 77 -0.68 0.15 -18.51
C TYR A 77 0.78 -0.25 -18.35
N PHE A 78 1.62 0.75 -18.15
CA PHE A 78 2.85 0.53 -17.39
C PHE A 78 2.47 0.73 -15.93
N MET A 79 2.94 -0.16 -15.07
CA MET A 79 2.45 -0.26 -13.71
C MET A 79 3.62 -0.39 -12.74
N GLY A 80 3.58 0.33 -11.64
CA GLY A 80 4.64 0.24 -10.65
C GLY A 80 5.96 0.81 -11.14
N SER A 81 7.07 0.31 -10.60
CA SER A 81 8.37 0.97 -10.74
C SER A 81 8.79 1.24 -12.17
N LEU A 82 8.43 0.37 -13.10
CA LEU A 82 8.67 0.58 -14.52
C LEU A 82 8.17 1.95 -14.98
N ALA A 83 6.95 2.34 -14.58
CA ALA A 83 6.34 3.58 -15.03
C ALA A 83 7.08 4.84 -14.53
N GLU A 84 7.86 4.74 -13.44
CA GLU A 84 8.78 5.80 -13.03
C GLU A 84 9.86 6.08 -14.07
N SER A 85 10.14 5.07 -14.90
CA SER A 85 11.32 4.98 -15.76
C SER A 85 10.98 4.83 -17.24
N LEU A 86 9.73 5.09 -17.61
CA LEU A 86 9.31 5.22 -19.00
C LEU A 86 8.66 6.58 -19.27
N ASN A 87 7.56 6.92 -18.59
CA ASN A 87 6.78 8.13 -18.86
C ASN A 87 6.77 9.09 -17.67
N PRO A 88 7.91 9.54 -17.13
CA PRO A 88 7.92 10.31 -15.89
C PRO A 88 7.17 11.64 -15.98
N ASN A 89 6.87 12.14 -17.19
CA ASN A 89 6.01 13.29 -17.40
C ASN A 89 4.50 13.04 -17.22
N GLU A 90 4.02 11.81 -17.41
CA GLU A 90 2.58 11.48 -17.43
C GLU A 90 2.18 10.33 -16.50
N ALA A 91 3.12 9.53 -16.03
CA ALA A 91 2.91 8.57 -14.96
C ALA A 91 2.62 9.29 -13.64
N HIS A 92 1.67 8.78 -12.87
CA HIS A 92 1.20 9.43 -11.65
C HIS A 92 0.69 8.42 -10.62
N TYR A 93 0.70 8.79 -9.34
CA TYR A 93 0.00 8.02 -8.33
C TYR A 93 -1.50 8.14 -8.55
N CYS A 94 -2.24 7.04 -8.45
CA CYS A 94 -3.69 7.16 -8.41
C CYS A 94 -4.12 7.67 -7.04
N TRP A 95 -5.06 8.61 -6.99
CA TRP A 95 -5.23 9.47 -5.80
C TRP A 95 -6.68 9.83 -5.51
N ASP A 96 -7.53 8.84 -5.37
CA ASP A 96 -8.80 9.04 -4.68
C ASP A 96 -9.22 7.77 -3.95
N GLU A 97 -9.98 7.92 -2.87
CA GLU A 97 -10.41 6.79 -2.04
C GLU A 97 -11.52 6.01 -2.72
N ASP A 98 -12.39 6.70 -3.46
CA ASP A 98 -13.49 6.08 -4.17
C ASP A 98 -12.98 5.28 -5.38
N LYS A 99 -13.46 4.04 -5.52
CA LYS A 99 -13.16 3.14 -6.64
C LYS A 99 -14.43 2.70 -7.38
N SER A 100 -15.53 3.43 -7.21
CA SER A 100 -16.77 3.26 -7.99
C SER A 100 -16.59 3.77 -9.43
N THR A 101 -16.01 4.96 -9.57
CA THR A 101 -15.30 5.43 -10.77
C THR A 101 -13.86 4.92 -10.73
N ASP A 102 -12.98 5.42 -11.61
CA ASP A 102 -11.54 5.14 -11.56
C ASP A 102 -11.20 3.64 -11.64
N GLU A 103 -11.55 2.97 -12.73
CA GLU A 103 -11.05 1.60 -12.98
C GLU A 103 -9.51 1.54 -12.90
N GLU A 104 -8.84 2.63 -13.23
CA GLU A 104 -7.41 2.82 -12.97
C GLU A 104 -7.04 2.46 -11.53
N ALA A 105 -7.79 2.94 -10.55
CA ALA A 105 -7.49 2.73 -9.14
C ALA A 105 -7.69 1.27 -8.71
N THR A 106 -8.53 0.52 -9.43
CA THR A 106 -8.71 -0.91 -9.24
C THR A 106 -7.61 -1.69 -9.95
N ALA A 107 -7.15 -1.20 -11.10
CA ALA A 107 -6.19 -1.90 -11.93
C ALA A 107 -4.90 -2.24 -11.19
N LEU A 108 -4.39 -1.35 -10.34
CA LEU A 108 -3.16 -1.63 -9.58
C LEU A 108 -3.32 -2.91 -8.74
N LEU A 109 -4.44 -3.04 -8.04
CA LEU A 109 -4.72 -4.22 -7.22
C LEU A 109 -4.97 -5.45 -8.10
N VAL A 110 -5.69 -5.30 -9.21
CA VAL A 110 -5.91 -6.41 -10.14
C VAL A 110 -4.57 -6.97 -10.63
N VAL A 111 -3.64 -6.11 -11.03
CA VAL A 111 -2.30 -6.56 -11.43
C VAL A 111 -1.60 -7.24 -10.28
N ALA A 112 -1.64 -6.69 -9.08
CA ALA A 112 -0.94 -7.30 -7.95
C ALA A 112 -1.46 -8.71 -7.67
N LEU A 113 -2.78 -8.92 -7.69
CA LEU A 113 -3.34 -10.26 -7.52
C LEU A 113 -2.90 -11.21 -8.64
N ALA A 114 -2.86 -10.75 -9.88
CA ALA A 114 -2.41 -11.57 -10.99
C ALA A 114 -0.93 -11.93 -10.88
N VAL A 115 -0.11 -11.06 -10.31
CA VAL A 115 1.28 -11.38 -9.99
C VAL A 115 1.35 -12.40 -8.86
N ALA A 116 0.49 -12.28 -7.85
CA ALA A 116 0.49 -13.21 -6.72
C ALA A 116 0.07 -14.62 -7.12
N GLN A 117 -0.97 -14.74 -7.96
CA GLN A 117 -1.54 -16.02 -8.37
C GLN A 117 -0.55 -16.86 -9.19
N LYS A 118 -0.18 -18.02 -8.66
CA LYS A 118 0.89 -18.86 -9.23
C LYS A 118 0.52 -19.55 -10.54
N GLU A 119 -0.75 -19.83 -10.76
CA GLU A 119 -1.25 -20.68 -11.85
C GLU A 119 -2.32 -19.96 -12.71
N PRO A 120 -2.44 -20.24 -14.01
CA PRO A 120 -3.07 -19.31 -14.97
C PRO A 120 -4.48 -18.82 -14.66
N LYS A 121 -5.34 -19.65 -14.04
CA LYS A 121 -6.67 -19.21 -13.61
C LYS A 121 -7.03 -19.75 -12.22
N ALA A 122 -7.57 -18.90 -11.37
CA ALA A 122 -8.09 -19.27 -10.05
C ALA A 122 -9.14 -18.27 -9.53
N ASN A 123 -9.89 -18.69 -8.52
CA ASN A 123 -10.74 -17.80 -7.73
C ASN A 123 -9.98 -17.25 -6.52
N ILE A 124 -10.45 -16.11 -5.99
CA ILE A 124 -9.82 -15.34 -4.91
C ILE A 124 -10.88 -14.93 -3.90
N TYR A 125 -10.58 -15.00 -2.61
CA TYR A 125 -11.32 -14.26 -1.60
C TYR A 125 -10.42 -13.13 -1.09
N LEU A 126 -10.91 -11.90 -1.15
CA LEU A 126 -10.10 -10.69 -0.99
C LEU A 126 -10.32 -10.04 0.37
N GLY A 127 -9.25 -9.67 1.05
CA GLY A 127 -9.28 -8.69 2.13
C GLY A 127 -8.65 -7.36 1.70
N THR A 128 -9.20 -6.22 2.11
CA THR A 128 -8.61 -4.91 1.81
C THR A 128 -9.08 -3.83 2.79
N GLY A 129 -8.52 -2.63 2.75
CA GLY A 129 -8.99 -1.58 3.65
C GLY A 129 -8.85 -0.15 3.16
N VAL A 130 -9.99 0.53 3.04
CA VAL A 130 -10.09 1.97 2.81
C VAL A 130 -9.57 2.75 4.01
N PRO A 131 -9.05 3.96 3.82
CA PRO A 131 -8.57 4.77 4.94
C PRO A 131 -9.67 5.06 5.94
N VAL A 132 -9.28 5.23 7.20
CA VAL A 132 -10.14 5.00 8.37
C VAL A 132 -11.40 5.83 8.34
N LYS A 133 -11.31 7.14 8.11
CA LYS A 133 -12.50 8.00 8.21
C LYS A 133 -13.58 7.67 7.18
N TYR A 134 -13.24 6.99 6.10
CA TYR A 134 -14.18 6.68 5.02
C TYR A 134 -15.02 5.44 5.30
N TYR A 135 -14.61 4.58 6.22
CA TYR A 135 -15.23 3.27 6.42
C TYR A 135 -16.72 3.35 6.78
N ALA A 136 -17.15 4.48 7.33
CA ALA A 136 -18.54 4.78 7.63
C ALA A 136 -19.42 5.05 6.39
N ALA A 137 -18.82 5.31 5.23
CA ALA A 137 -19.51 5.87 4.06
C ALA A 137 -19.10 5.27 2.70
N LEU A 138 -18.20 4.29 2.69
CA LEU A 138 -17.52 3.83 1.47
C LEU A 138 -17.49 2.31 1.28
N LYS A 139 -17.44 1.52 2.35
CA LYS A 139 -17.11 0.09 2.24
C LYS A 139 -18.06 -0.70 1.33
N ASP A 140 -19.33 -0.35 1.35
CA ASP A 140 -20.36 -1.05 0.59
C ASP A 140 -20.10 -0.93 -0.92
N LYS A 141 -19.59 0.23 -1.36
CA LYS A 141 -19.28 0.46 -2.77
C LYS A 141 -18.12 -0.41 -3.23
N TYR A 142 -17.06 -0.53 -2.42
CA TYR A 142 -15.99 -1.47 -2.70
C TYR A 142 -16.52 -2.91 -2.74
N GLU A 143 -17.41 -3.29 -1.82
CA GLU A 143 -17.96 -4.63 -1.78
C GLU A 143 -18.85 -4.98 -2.99
N ALA A 144 -19.31 -3.96 -3.74
CA ALA A 144 -19.92 -4.12 -5.07
C ALA A 144 -18.89 -4.09 -6.22
N GLU A 145 -18.02 -3.07 -6.26
CA GLU A 145 -17.00 -2.86 -7.30
C GLU A 145 -16.04 -4.03 -7.40
N LEU A 146 -15.46 -4.42 -6.27
CA LEU A 146 -14.16 -5.07 -6.23
C LEU A 146 -14.30 -6.60 -6.26
N LYS A 147 -14.96 -7.08 -7.31
CA LYS A 147 -15.62 -8.39 -7.37
C LYS A 147 -15.66 -8.91 -8.80
N GLY A 148 -15.86 -10.21 -8.99
CA GLY A 148 -15.99 -10.81 -10.32
C GLY A 148 -14.65 -11.01 -11.04
N THR A 149 -14.71 -11.33 -12.32
CA THR A 149 -13.55 -11.77 -13.10
C THR A 149 -12.76 -10.62 -13.72
N TRP A 150 -11.43 -10.80 -13.75
CA TRP A 150 -10.45 -9.93 -14.37
C TRP A 150 -9.44 -10.76 -15.16
N SER A 151 -8.71 -10.12 -16.07
CA SER A 151 -7.55 -10.75 -16.69
C SER A 151 -6.44 -9.77 -16.98
N VAL A 152 -5.21 -10.27 -16.98
CA VAL A 152 -4.00 -9.51 -17.22
C VAL A 152 -3.15 -10.22 -18.27
N ALA A 153 -2.69 -9.50 -19.28
CA ALA A 153 -1.69 -9.97 -20.23
C ALA A 153 -0.37 -9.23 -19.99
N PHE A 154 0.77 -9.92 -20.01
CA PHE A 154 2.07 -9.37 -19.60
C PHE A 154 3.10 -9.39 -20.73
N ARG A 155 3.99 -8.40 -20.77
CA ARG A 155 5.03 -8.32 -21.82
C ARG A 155 6.47 -8.31 -21.32
N SER A 156 6.72 -8.14 -20.03
CA SER A 156 8.07 -7.98 -19.47
C SER A 156 8.57 -9.21 -18.70
N GLY A 157 9.79 -9.66 -18.99
CA GLY A 157 10.55 -10.61 -18.16
C GLY A 157 9.82 -11.93 -17.81
N PRO A 158 10.12 -12.54 -16.66
CA PRO A 158 9.46 -13.75 -16.16
C PRO A 158 7.93 -13.76 -16.22
N PHE A 159 7.25 -12.62 -16.12
CA PHE A 159 5.79 -12.58 -16.28
C PHE A 159 5.32 -12.86 -17.72
N LYS A 160 6.16 -12.69 -18.76
CA LYS A 160 5.69 -12.44 -20.14
C LYS A 160 4.81 -13.54 -20.76
N GLY A 161 3.92 -13.13 -21.67
CA GLY A 161 2.87 -13.98 -22.22
C GLY A 161 1.79 -14.18 -21.17
N GLN A 162 1.54 -15.45 -20.81
CA GLN A 162 0.86 -15.86 -19.57
C GLN A 162 -0.37 -15.02 -19.21
N THR A 163 -1.41 -15.02 -20.04
CA THR A 163 -2.53 -14.10 -19.88
C THR A 163 -3.47 -14.53 -18.73
N ARG A 164 -3.01 -14.40 -17.49
CA ARG A 164 -3.69 -14.88 -16.29
C ARG A 164 -5.11 -14.32 -16.17
N GLN A 165 -6.00 -15.13 -15.61
CA GLN A 165 -7.35 -14.73 -15.26
C GLN A 165 -7.52 -14.93 -13.76
N LEU A 166 -8.35 -14.10 -13.13
CA LEU A 166 -8.69 -14.27 -11.73
C LEU A 166 -10.12 -13.84 -11.48
N THR A 167 -10.77 -14.44 -10.50
CA THR A 167 -12.13 -14.04 -10.09
C THR A 167 -12.21 -13.80 -8.59
N ILE A 168 -12.57 -12.60 -8.18
CA ILE A 168 -12.85 -12.35 -6.76
C ILE A 168 -14.26 -12.88 -6.47
N ILE A 169 -14.34 -13.87 -5.60
CA ILE A 169 -15.55 -14.52 -5.11
C ILE A 169 -16.40 -13.48 -4.41
N ARG A 170 -15.84 -12.88 -3.37
CA ARG A 170 -16.33 -11.73 -2.61
C ARG A 170 -15.14 -11.09 -1.88
N SER A 171 -15.29 -9.84 -1.50
CA SER A 171 -14.28 -9.08 -0.79
C SER A 171 -14.78 -8.69 0.59
N ARG A 172 -13.91 -8.73 1.61
CA ARG A 172 -14.15 -8.11 2.91
C ARG A 172 -13.31 -6.85 3.02
N VAL A 173 -13.97 -5.74 3.34
CA VAL A 173 -13.34 -4.44 3.51
C VAL A 173 -13.32 -4.08 4.99
N LEU A 174 -12.22 -3.51 5.45
CA LEU A 174 -12.01 -3.10 6.84
C LEU A 174 -11.38 -1.70 6.91
N PRO A 175 -11.50 -0.94 8.00
CA PRO A 175 -10.81 0.32 8.10
C PRO A 175 -9.30 0.08 8.18
N GLN A 176 -8.52 0.88 7.45
CA GLN A 176 -7.16 0.55 7.08
C GLN A 176 -6.21 0.17 8.23
N SER A 177 -6.23 0.85 9.37
CA SER A 177 -5.32 0.54 10.48
C SER A 177 -5.66 -0.77 11.20
N TYR A 178 -6.88 -1.27 11.09
CA TYR A 178 -7.33 -2.45 11.82
C TYR A 178 -6.53 -3.70 11.44
N GLY A 179 -6.06 -3.81 10.20
CA GLY A 179 -5.23 -4.93 9.78
C GLY A 179 -3.97 -5.09 10.63
N VAL A 180 -3.37 -3.98 11.05
CA VAL A 180 -2.20 -3.99 11.93
C VAL A 180 -2.55 -4.64 13.27
N PHE A 181 -3.62 -4.16 13.90
CA PHE A 181 -4.08 -4.68 15.17
C PHE A 181 -4.39 -6.18 15.05
N ILE A 182 -5.04 -6.59 13.97
CA ILE A 182 -5.33 -7.99 13.69
C ILE A 182 -4.04 -8.81 13.59
N LYS A 183 -3.08 -8.43 12.73
CA LYS A 183 -1.88 -9.25 12.57
C LYS A 183 -1.01 -9.31 13.82
N GLU A 184 -1.17 -8.34 14.71
CA GLU A 184 -0.45 -8.31 15.97
C GLU A 184 -1.16 -9.18 17.03
N THR A 185 -2.49 -9.18 17.05
CA THR A 185 -3.28 -9.93 18.03
C THR A 185 -3.51 -11.39 17.68
N LEU A 186 -3.58 -11.76 16.39
CA LEU A 186 -4.02 -13.09 15.97
C LEU A 186 -2.94 -13.92 15.28
N ASN A 187 -3.00 -15.22 15.52
CA ASN A 187 -2.29 -16.27 14.82
C ASN A 187 -2.79 -16.40 13.37
N GLU A 188 -1.98 -17.04 12.51
CA GLU A 188 -2.35 -17.44 11.14
C GLU A 188 -3.74 -18.04 11.00
N TYR A 189 -4.14 -18.88 11.95
CA TYR A 189 -5.42 -19.59 11.95
C TYR A 189 -6.46 -18.90 12.85
N GLY A 190 -6.27 -17.61 13.16
CA GLY A 190 -7.28 -16.76 13.81
C GLY A 190 -7.39 -16.86 15.33
N ILE A 191 -6.55 -17.67 15.98
CA ILE A 191 -6.49 -17.75 17.45
C ILE A 191 -5.78 -16.51 18.02
N PRO A 192 -6.30 -15.83 19.04
CA PRO A 192 -5.59 -14.72 19.66
C PRO A 192 -4.37 -15.20 20.46
N ILE A 193 -3.31 -14.40 20.51
CA ILE A 193 -2.00 -14.85 21.02
C ILE A 193 -1.44 -14.07 22.22
N SER A 194 -1.97 -12.88 22.53
CA SER A 194 -1.50 -12.09 23.69
C SER A 194 -2.58 -11.12 24.21
N PRO A 195 -3.29 -11.48 25.28
CA PRO A 195 -4.28 -10.62 25.95
C PRO A 195 -3.76 -9.23 26.35
N LYS A 196 -2.44 -9.08 26.50
CA LYS A 196 -1.78 -7.79 26.74
C LYS A 196 -2.14 -6.71 25.70
N LEU A 197 -2.47 -7.11 24.48
CA LEU A 197 -2.94 -6.22 23.43
C LEU A 197 -4.45 -5.96 23.49
N PHE A 198 -5.24 -6.87 24.05
CA PHE A 198 -6.69 -6.74 24.10
C PHE A 198 -7.13 -5.83 25.24
N ASN A 199 -6.64 -6.07 26.46
CA ASN A 199 -7.12 -5.34 27.62
C ASN A 199 -6.69 -3.87 27.59
N GLY A 200 -7.44 -2.99 28.26
CA GLY A 200 -7.11 -1.56 28.31
C GLY A 200 -7.09 -0.90 26.93
N TYR A 201 -6.37 0.21 26.80
CA TYR A 201 -6.32 1.02 25.58
C TYR A 201 -5.03 0.81 24.79
N VAL A 202 -5.15 0.56 23.49
CA VAL A 202 -4.04 0.55 22.54
C VAL A 202 -4.34 1.55 21.45
N VAL A 203 -3.33 2.24 20.93
CA VAL A 203 -3.49 3.11 19.75
C VAL A 203 -2.69 2.54 18.61
N VAL A 204 -3.22 2.61 17.39
CA VAL A 204 -2.60 1.98 16.23
C VAL A 204 -2.50 2.99 15.12
N ILE A 205 -1.32 3.13 14.52
CA ILE A 205 -1.01 4.17 13.55
C ILE A 205 -0.46 3.60 12.25
N ASP A 206 -1.10 3.91 11.13
CA ASP A 206 -0.43 3.93 9.82
C ASP A 206 -0.03 5.38 9.49
N PRO A 207 1.25 5.75 9.58
CA PRO A 207 1.77 7.04 9.17
C PRO A 207 1.93 7.09 7.64
N GLY A 208 0.86 6.83 6.91
CA GLY A 208 0.89 6.46 5.49
C GLY A 208 1.30 7.54 4.48
N PHE A 209 1.28 7.21 3.19
CA PHE A 209 1.76 8.11 2.15
C PHE A 209 0.82 9.29 1.90
N ARG A 210 -0.43 9.01 1.52
CA ARG A 210 -1.47 10.02 1.29
C ARG A 210 -2.04 10.55 2.59
N THR A 211 -2.10 9.72 3.62
CA THR A 211 -2.75 10.01 4.89
C THR A 211 -2.10 9.26 6.03
N THR A 212 -2.11 9.84 7.22
CA THR A 212 -1.79 9.12 8.44
C THR A 212 -3.07 8.80 9.17
N ASP A 213 -3.31 7.52 9.42
CA ASP A 213 -4.56 7.05 9.97
C ASP A 213 -4.35 6.38 11.32
N VAL A 214 -5.26 6.67 12.25
CA VAL A 214 -5.10 6.33 13.66
C VAL A 214 -6.39 5.78 14.20
N ALA A 215 -6.34 4.65 14.90
CA ALA A 215 -7.50 4.08 15.56
C ALA A 215 -7.18 3.61 16.97
N THR A 216 -8.11 3.86 17.89
CA THR A 216 -7.97 3.49 19.28
C THR A 216 -8.71 2.20 19.55
N PHE A 217 -8.04 1.19 20.06
CA PHE A 217 -8.67 -0.06 20.42
C PHE A 217 -8.79 -0.12 21.93
N TYR A 218 -10.01 -0.28 22.44
CA TYR A 218 -10.29 -0.36 23.86
C TYR A 218 -10.89 -1.70 24.17
N ASP A 219 -10.27 -2.46 25.07
CA ASP A 219 -10.77 -3.78 25.50
C ASP A 219 -10.92 -4.80 24.34
N GLY A 220 -10.23 -4.58 23.23
CA GLY A 220 -10.27 -5.37 22.01
C GLY A 220 -11.13 -4.79 20.88
N VAL A 221 -11.85 -3.68 21.10
CA VAL A 221 -12.79 -3.10 20.14
C VAL A 221 -12.26 -1.79 19.56
N MET A 222 -12.30 -1.60 18.24
CA MET A 222 -11.97 -0.29 17.64
C MET A 222 -13.02 0.75 18.07
N LEU A 223 -12.62 1.84 18.72
CA LEU A 223 -13.54 2.89 19.11
C LEU A 223 -14.01 3.75 17.94
N ASP A 224 -15.19 4.34 18.10
CA ASP A 224 -15.94 5.11 17.12
C ASP A 224 -15.34 6.50 16.79
N PRO A 225 -15.75 7.13 15.67
CA PRO A 225 -14.94 8.07 14.90
C PRO A 225 -14.18 9.18 15.62
N PRO A 226 -14.70 9.93 16.60
CA PRO A 226 -13.90 10.96 17.24
C PRO A 226 -12.67 10.39 17.98
N ASN A 227 -12.63 9.08 18.20
CA ASN A 227 -11.48 8.36 18.78
C ASN A 227 -10.63 7.62 17.73
N SER A 228 -11.08 7.52 16.48
CA SER A 228 -10.44 6.75 15.41
C SER A 228 -10.69 7.38 14.06
N PHE A 229 -9.66 7.97 13.47
CA PHE A 229 -9.75 9.09 12.55
C PHE A 229 -8.56 9.07 11.57
N SER A 230 -8.39 10.15 10.83
CA SER A 230 -7.44 10.19 9.72
C SER A 230 -6.89 11.58 9.52
N ILE A 231 -5.65 11.71 9.06
CA ILE A 231 -4.88 12.94 9.11
C ILE A 231 -4.20 13.17 7.77
N GLU A 232 -4.41 14.34 7.16
CA GLU A 232 -3.89 14.60 5.81
C GLU A 232 -2.35 14.64 5.69
N LYS A 233 -1.65 14.81 6.81
CA LYS A 233 -0.19 14.75 6.86
C LYS A 233 0.28 13.31 6.76
N GLY A 234 0.30 12.79 5.53
CA GLY A 234 1.07 11.61 5.14
C GLY A 234 2.44 11.99 4.58
N LEU A 235 3.28 11.01 4.26
CA LEU A 235 4.62 11.24 3.72
C LEU A 235 4.62 12.21 2.53
N LYS A 236 3.58 12.18 1.69
CA LYS A 236 3.48 13.05 0.51
C LYS A 236 3.52 14.52 0.88
N TRP A 237 3.00 14.90 2.04
CA TRP A 237 3.15 16.24 2.54
C TRP A 237 4.61 16.59 2.85
N ALA A 238 5.39 15.65 3.40
CA ALA A 238 6.82 15.86 3.61
C ALA A 238 7.57 16.01 2.28
N TYR A 239 7.31 15.16 1.28
CA TYR A 239 7.89 15.38 -0.04
C TYR A 239 7.50 16.71 -0.65
N THR A 240 6.29 17.21 -0.42
CA THR A 240 5.94 18.56 -0.88
C THR A 240 6.83 19.61 -0.22
N GLY A 241 7.21 19.43 1.04
CA GLY A 241 8.22 20.26 1.69
C GLY A 241 9.61 20.08 1.07
N VAL A 242 10.06 18.83 0.87
CA VAL A 242 11.37 18.58 0.26
C VAL A 242 11.47 19.20 -1.11
N ALA A 243 10.41 19.14 -1.91
CA ALA A 243 10.40 19.77 -3.22
C ALA A 243 10.63 21.28 -3.14
N GLU A 244 9.98 22.00 -2.23
CA GLU A 244 10.23 23.43 -2.09
C GLU A 244 11.65 23.74 -1.60
N GLN A 245 12.20 22.92 -0.72
CA GLN A 245 13.60 23.06 -0.30
C GLN A 245 14.59 22.72 -1.41
N LEU A 246 14.31 21.73 -2.26
CA LEU A 246 15.14 21.41 -3.41
C LEU A 246 15.06 22.51 -4.46
N LYS A 247 13.87 23.09 -4.66
CA LYS A 247 13.71 24.26 -5.50
C LYS A 247 14.53 25.41 -4.95
N GLU A 248 14.42 25.76 -3.67
CA GLU A 248 15.24 26.83 -3.08
C GLU A 248 16.74 26.49 -2.96
N MET A 249 17.15 25.23 -3.13
CA MET A 249 18.56 24.84 -3.33
C MET A 249 19.03 24.95 -4.79
N THR A 250 18.14 25.23 -5.74
CA THR A 250 18.48 25.36 -7.17
C THR A 250 17.89 26.59 -7.86
N ILE A 251 17.16 27.44 -7.15
CA ILE A 251 16.74 28.78 -7.58
C ILE A 251 17.93 29.69 -7.91
N ASN A 252 19.08 29.41 -7.31
CA ASN A 252 20.36 30.07 -7.59
C ASN A 252 20.90 29.75 -9.00
N HIS A 253 20.41 28.66 -9.62
CA HIS A 253 20.69 28.26 -11.00
C HIS A 253 19.72 28.92 -11.98
N ALA A 254 20.05 28.92 -13.27
CA ALA A 254 19.27 29.62 -14.31
C ALA A 254 17.87 29.02 -14.56
N ASN A 255 17.66 27.74 -14.24
CA ASN A 255 16.36 27.09 -14.37
C ASN A 255 16.22 26.03 -13.26
N PRO A 256 15.32 26.22 -12.27
CA PRO A 256 15.34 25.44 -11.03
C PRO A 256 14.73 24.06 -11.19
N ILE A 257 15.09 23.13 -10.30
CA ILE A 257 14.45 21.82 -10.22
C ILE A 257 12.99 21.97 -9.81
N GLU A 258 12.09 21.22 -10.44
CA GLU A 258 10.63 21.37 -10.27
C GLU A 258 9.94 20.00 -10.12
N THR A 259 10.55 19.08 -9.38
CA THR A 259 10.04 17.71 -9.21
C THR A 259 8.67 17.67 -8.55
N ASP A 260 7.76 16.93 -9.17
CA ASP A 260 6.66 16.32 -8.45
C ASP A 260 7.19 15.22 -7.51
N ASP A 261 6.40 14.86 -6.50
CA ASP A 261 6.73 13.87 -5.48
C ASP A 261 7.34 12.56 -6.04
N LYS A 262 6.82 12.06 -7.15
CA LYS A 262 7.22 10.81 -7.79
C LYS A 262 8.73 10.67 -7.96
N GLU A 263 9.41 11.74 -8.37
CA GLU A 263 10.86 11.68 -8.50
C GLU A 263 11.55 11.65 -7.15
N LEU A 264 11.02 12.34 -6.13
CA LEU A 264 11.62 12.25 -4.81
C LEU A 264 11.43 10.85 -4.25
N ASP A 265 10.24 10.29 -4.39
CA ASP A 265 9.96 8.91 -4.00
C ASP A 265 10.90 7.91 -4.69
N LYS A 266 11.13 8.07 -6.00
CA LYS A 266 12.14 7.32 -6.74
C LYS A 266 13.50 7.49 -6.08
N VAL A 267 13.91 8.71 -5.78
CA VAL A 267 15.23 9.00 -5.22
C VAL A 267 15.41 8.41 -3.83
N PHE A 268 14.39 8.34 -2.98
CA PHE A 268 14.51 7.61 -1.72
C PHE A 268 14.41 6.09 -1.89
N ARG A 269 13.60 5.57 -2.82
CA ARG A 269 13.52 4.13 -3.10
C ARG A 269 14.82 3.59 -3.70
N VAL A 270 15.29 4.18 -4.79
CA VAL A 270 16.31 3.60 -5.66
C VAL A 270 17.72 3.84 -5.15
N ASN A 271 18.04 5.07 -4.77
CA ASN A 271 19.42 5.48 -4.52
C ASN A 271 19.57 6.49 -3.36
N GLU A 272 18.80 6.26 -2.30
CA GLU A 272 19.07 6.78 -0.95
C GLU A 272 19.27 8.30 -0.88
N GLY A 273 18.38 9.06 -1.51
CA GLY A 273 18.30 10.50 -1.30
C GLY A 273 19.32 11.32 -2.10
N MET A 274 20.18 10.69 -2.89
CA MET A 274 21.07 11.41 -3.78
C MET A 274 20.37 11.74 -5.11
N TYR A 275 19.78 12.92 -5.20
CA TYR A 275 19.19 13.38 -6.46
C TYR A 275 20.30 13.59 -7.51
N PRO A 276 20.18 13.05 -8.72
CA PRO A 276 21.24 13.07 -9.72
C PRO A 276 21.36 14.44 -10.40
N TRP A 277 22.58 14.91 -10.62
CA TRP A 277 22.86 16.27 -11.11
C TRP A 277 24.28 16.38 -11.69
N ASN A 278 24.64 17.52 -12.28
CA ASN A 278 26.05 17.84 -12.57
C ASN A 278 26.89 17.75 -11.29
N ASN A 279 28.16 17.36 -11.42
CA ASN A 279 29.00 16.93 -10.29
C ASN A 279 28.43 15.70 -9.54
N GLY A 280 27.62 14.89 -10.22
CA GLY A 280 27.04 13.65 -9.69
C GLY A 280 25.77 13.85 -8.87
N ALA A 281 25.91 14.40 -7.66
CA ALA A 281 24.88 14.26 -6.63
C ALA A 281 24.51 15.59 -5.93
N ILE A 282 23.21 15.77 -5.71
CA ILE A 282 22.65 16.63 -4.67
C ILE A 282 22.14 15.69 -3.59
N ASN A 283 22.55 15.87 -2.33
CA ASN A 283 22.11 14.98 -1.26
C ASN A 283 20.94 15.62 -0.49
N LEU A 284 19.78 14.97 -0.51
CA LEU A 284 18.56 15.43 0.16
C LEU A 284 18.44 14.96 1.60
N ASN A 285 19.18 13.94 2.04
CA ASN A 285 18.93 13.32 3.34
C ASN A 285 18.87 14.31 4.52
N PRO A 286 19.73 15.35 4.60
CA PRO A 286 19.57 16.41 5.59
C PRO A 286 18.19 17.06 5.54
N VAL A 287 17.75 17.50 4.36
CA VAL A 287 16.44 18.13 4.18
C VAL A 287 15.31 17.17 4.52
N MET A 288 15.43 15.91 4.13
CA MET A 288 14.40 14.91 4.37
C MET A 288 14.20 14.62 5.85
N GLN A 289 15.27 14.38 6.58
CA GLN A 289 15.17 14.11 8.01
C GLN A 289 14.90 15.38 8.82
N ASP A 290 15.20 16.57 8.30
CA ASP A 290 14.60 17.81 8.82
C ASP A 290 13.08 17.83 8.60
N MET A 291 12.58 17.40 7.44
CA MET A 291 11.13 17.29 7.22
C MET A 291 10.47 16.24 8.08
N LEU A 292 11.10 15.07 8.27
CA LEU A 292 10.50 14.00 9.09
C LEU A 292 10.57 14.28 10.58
N GLY A 293 11.48 15.14 11.04
CA GLY A 293 11.35 15.77 12.35
C GLY A 293 10.04 16.57 12.47
N GLN A 294 9.67 17.34 11.44
CA GLN A 294 8.39 18.04 11.43
C GLN A 294 7.24 17.03 11.36
N LEU A 295 7.21 16.15 10.37
CA LEU A 295 6.09 15.23 10.19
C LEU A 295 5.86 14.35 11.42
N GLY A 296 6.92 13.81 12.03
CA GLY A 296 6.78 13.01 13.26
C GLY A 296 6.29 13.83 14.44
N THR A 297 6.69 15.09 14.54
CA THR A 297 6.14 15.98 15.57
C THR A 297 4.65 16.19 15.28
N ASP A 298 4.30 16.50 14.04
CA ASP A 298 2.94 16.80 13.69
C ASP A 298 2.02 15.61 13.82
N ILE A 299 2.42 14.41 13.44
CA ILE A 299 1.61 13.22 13.71
C ILE A 299 1.40 13.04 15.22
N SER A 300 2.39 13.35 16.05
CA SER A 300 2.22 13.28 17.50
C SER A 300 1.23 14.31 18.01
N ARG A 301 1.29 15.55 17.52
CA ARG A 301 0.36 16.62 17.92
C ARG A 301 -1.05 16.45 17.35
N GLU A 302 -1.17 16.09 16.08
CA GLU A 302 -2.46 15.80 15.47
C GLU A 302 -3.16 14.62 16.17
N VAL A 303 -2.40 13.65 16.71
CA VAL A 303 -2.94 12.62 17.61
C VAL A 303 -3.39 13.22 18.93
N LYS A 304 -2.50 13.92 19.64
CA LYS A 304 -2.83 14.39 20.98
C LYS A 304 -4.01 15.35 20.99
N LYS A 305 -4.26 16.10 19.93
CA LYS A 305 -5.45 16.94 19.80
C LYS A 305 -6.75 16.18 20.01
N SER A 306 -6.88 14.93 19.58
CA SER A 306 -8.09 14.13 19.77
C SER A 306 -7.96 13.07 20.84
N LEU A 307 -6.76 12.59 21.15
CA LEU A 307 -6.55 11.51 22.11
C LEU A 307 -6.07 11.93 23.49
N LYS A 308 -5.66 13.19 23.72
CA LYS A 308 -5.06 13.56 25.02
C LYS A 308 -5.93 13.22 26.24
N PRO A 309 -7.27 13.35 26.24
CA PRO A 309 -8.09 12.90 27.35
C PRO A 309 -7.82 11.44 27.79
N MET A 310 -7.45 10.58 26.84
CA MET A 310 -7.17 9.17 27.04
C MET A 310 -5.70 8.89 27.38
N LEU A 311 -4.81 9.86 27.19
CA LEU A 311 -3.38 9.57 26.95
C LEU A 311 -2.75 8.73 28.05
N GLY A 312 -3.02 9.04 29.32
CA GLY A 312 -2.42 8.31 30.43
C GLY A 312 -2.76 6.81 30.46
N LYS A 313 -3.86 6.40 29.84
CA LYS A 313 -4.41 5.03 29.92
C LYS A 313 -3.75 4.03 28.98
N ILE A 314 -2.97 4.50 28.00
CA ILE A 314 -2.59 3.69 26.83
C ILE A 314 -1.46 2.71 27.15
N HIS A 315 -1.69 1.43 26.89
CA HIS A 315 -0.68 0.37 26.97
C HIS A 315 0.49 0.65 26.05
N THR A 316 0.20 0.90 24.78
CA THR A 316 1.20 1.03 23.73
C THR A 316 0.62 1.71 22.50
N VAL A 317 1.50 2.34 21.71
CA VAL A 317 1.18 2.82 20.38
C VAL A 317 1.83 1.89 19.37
N LEU A 318 1.04 1.17 18.58
CA LEU A 318 1.54 0.40 17.45
C LEU A 318 1.80 1.31 16.25
N VAL A 319 2.92 1.12 15.57
CA VAL A 319 3.32 1.85 14.37
C VAL A 319 3.50 0.87 13.23
N ALA A 320 3.00 1.20 12.04
CA ALA A 320 3.05 0.35 10.85
C ALA A 320 3.49 1.11 9.59
N GLY A 321 3.41 0.48 8.41
CA GLY A 321 3.72 1.09 7.11
C GLY A 321 5.21 1.38 6.91
N LYS A 322 5.65 1.65 5.67
CA LYS A 322 7.08 1.89 5.42
C LYS A 322 7.55 3.11 6.17
N VAL A 323 6.71 4.13 6.20
CA VAL A 323 7.03 5.38 6.88
C VAL A 323 7.15 5.20 8.39
N GLY A 324 6.63 4.11 8.97
CA GLY A 324 6.90 3.75 10.36
C GLY A 324 8.40 3.66 10.60
N GLU A 325 9.13 2.94 9.76
CA GLU A 325 10.61 2.85 9.85
C GLU A 325 11.30 4.21 9.72
N MET A 326 10.67 5.18 9.08
CA MET A 326 11.26 6.49 8.82
C MET A 326 11.00 7.49 9.95
N ILE A 327 9.90 7.33 10.67
CA ILE A 327 9.41 8.34 11.64
C ILE A 327 9.55 7.87 13.09
N PHE A 328 9.52 6.57 13.35
CA PHE A 328 9.35 5.96 14.68
C PHE A 328 10.19 6.58 15.81
N GLU A 329 11.43 6.99 15.58
CA GLU A 329 12.26 7.60 16.63
C GLU A 329 11.75 8.96 17.11
N HIS A 330 10.85 9.61 16.36
CA HIS A 330 10.44 11.00 16.56
C HIS A 330 9.02 11.14 17.13
N LEU A 331 8.21 10.08 17.15
CA LEU A 331 6.85 10.15 17.71
C LEU A 331 6.88 10.23 19.24
N GLN A 332 6.15 11.17 19.82
CA GLN A 332 6.23 11.52 21.24
C GLN A 332 5.30 10.67 22.13
N PHE A 333 5.57 9.37 22.22
CA PHE A 333 4.84 8.43 23.08
C PHE A 333 5.78 7.55 23.90
N GLU A 334 5.47 7.29 25.16
CA GLU A 334 6.40 6.61 26.07
C GLU A 334 6.50 5.11 25.81
N ASN A 335 5.37 4.44 25.57
CA ASN A 335 5.32 3.05 25.14
C ASN A 335 4.91 3.01 23.67
N LYS A 336 5.71 2.35 22.84
CA LYS A 336 5.64 2.47 21.39
C LYS A 336 6.31 1.29 20.71
N VAL A 337 5.58 0.60 19.83
CA VAL A 337 6.04 -0.59 19.12
C VAL A 337 6.00 -0.37 17.62
N LEU A 338 7.13 -0.56 16.94
CA LEU A 338 7.13 -0.73 15.49
C LEU A 338 6.82 -2.19 15.20
N ILE A 339 5.72 -2.46 14.52
CA ILE A 339 5.25 -3.84 14.32
C ILE A 339 6.20 -4.64 13.41
N GLU A 340 6.27 -5.94 13.63
CA GLU A 340 7.16 -6.82 12.85
C GLU A 340 6.79 -6.84 11.37
N ASN A 341 7.78 -6.71 10.49
CA ASN A 341 7.60 -6.59 9.03
C ASN A 341 6.68 -5.41 8.64
N PRO A 342 7.11 -4.16 8.90
CA PRO A 342 6.23 -2.99 9.00
C PRO A 342 5.34 -2.74 7.79
N GLN A 343 5.89 -2.97 6.60
CA GLN A 343 5.22 -2.73 5.33
C GLN A 343 3.84 -3.38 5.26
N PHE A 344 3.75 -4.67 5.59
CA PHE A 344 2.58 -5.49 5.29
C PHE A 344 1.51 -5.47 6.37
N GLY A 345 1.68 -4.70 7.45
CA GLY A 345 0.82 -4.83 8.65
C GLY A 345 -0.67 -4.82 8.35
N ASN A 346 -1.14 -3.87 7.55
CA ASN A 346 -2.55 -3.81 7.17
C ASN A 346 -2.94 -5.04 6.34
N ALA A 347 -2.16 -5.33 5.30
CA ALA A 347 -2.41 -6.41 4.36
C ALA A 347 -2.48 -7.78 5.04
N THR A 348 -1.54 -8.10 5.94
CA THR A 348 -1.53 -9.39 6.64
C THR A 348 -2.80 -9.57 7.43
N GLY A 349 -3.21 -8.55 8.18
CA GLY A 349 -4.47 -8.63 8.91
C GLY A 349 -5.65 -8.84 7.97
N PHE A 350 -5.66 -8.19 6.82
CA PHE A 350 -6.70 -8.44 5.85
C PHE A 350 -6.69 -9.88 5.35
N ARG A 351 -5.52 -10.52 5.16
CA ARG A 351 -5.49 -11.95 4.80
C ARG A 351 -6.07 -12.78 5.93
N ILE A 352 -5.68 -12.52 7.16
CA ILE A 352 -6.19 -13.28 8.31
C ILE A 352 -7.71 -13.15 8.40
N MET A 353 -8.25 -11.97 8.14
CA MET A 353 -9.69 -11.79 8.04
C MET A 353 -10.30 -12.49 6.83
N ALA A 354 -9.63 -12.51 5.69
CA ALA A 354 -10.12 -13.23 4.53
C ALA A 354 -10.21 -14.74 4.81
N ALA A 355 -9.25 -15.30 5.56
CA ALA A 355 -9.29 -16.70 5.95
C ALA A 355 -10.55 -17.01 6.78
N ASN A 356 -10.94 -16.10 7.67
CA ASN A 356 -12.19 -16.25 8.41
C ASN A 356 -13.39 -16.29 7.47
N LEU A 357 -13.48 -15.35 6.52
CA LEU A 357 -14.59 -15.31 5.56
C LEU A 357 -14.47 -16.26 4.35
N VAL A 358 -13.57 -17.25 4.36
CA VAL A 358 -13.54 -18.31 3.34
C VAL A 358 -13.56 -19.73 3.96
N ASN A 359 -14.10 -19.85 5.18
CA ASN A 359 -14.59 -21.13 5.68
C ASN A 359 -15.90 -21.50 4.96
N ASN A 360 -16.26 -22.78 4.95
CA ASN A 360 -17.54 -23.25 4.40
C ASN A 360 -18.75 -22.58 5.08
N ILE A 361 -18.66 -22.35 6.38
CA ILE A 361 -19.67 -21.65 7.20
C ILE A 361 -19.67 -20.11 7.03
N THR A 362 -18.81 -19.55 6.19
CA THR A 362 -18.74 -18.09 5.92
C THR A 362 -18.88 -17.75 4.43
N LYS A 363 -17.97 -18.20 3.55
CA LYS A 363 -18.21 -18.38 2.10
C LYS A 363 -17.16 -19.29 1.46
N LYS A 364 -17.49 -20.59 1.37
CA LYS A 364 -16.84 -21.62 0.55
C LYS A 364 -17.85 -22.74 0.30
N ALA A 365 -17.68 -23.54 -0.75
CA ALA A 365 -18.33 -24.84 -0.84
C ALA A 365 -17.83 -25.80 0.26
N ASN A 366 -18.54 -26.91 0.48
CA ASN A 366 -18.00 -28.04 1.26
C ASN A 366 -16.96 -28.83 0.46
N ALA A 367 -17.13 -28.87 -0.86
CA ALA A 367 -16.12 -29.31 -1.84
C ALA A 367 -14.98 -28.28 -2.01
N ALA A 368 -14.07 -28.53 -2.96
CA ALA A 368 -12.90 -27.70 -3.22
C ALA A 368 -13.14 -26.20 -3.57
N PRO A 369 -14.18 -25.79 -4.34
CA PRO A 369 -14.39 -24.39 -4.71
C PRO A 369 -14.47 -23.41 -3.53
PB ADP B . 0.80 3.65 2.48
O1B ADP B . 0.01 4.65 3.21
O2B ADP B . 0.38 2.45 3.24
O3B ADP B . 0.35 3.62 1.08
PA ADP B . 3.38 2.84 2.61
O1A ADP B . 3.26 1.96 1.43
O2A ADP B . 3.44 2.02 3.85
O3A ADP B . 2.31 3.97 2.65
O5' ADP B . 4.70 3.75 2.50
C5' ADP B . 5.00 4.35 1.23
C4' ADP B . 6.47 4.80 1.19
O4' ADP B . 7.31 3.61 1.22
C3' ADP B . 6.79 5.48 -0.15
O3' ADP B . 7.92 6.33 -0.03
C2' ADP B . 7.15 4.27 -0.98
O2' ADP B . 7.82 4.56 -2.19
C1' ADP B . 8.01 3.47 -0.01
N9 ADP B . 8.15 2.07 -0.38
C8 ADP B . 7.13 1.20 -0.77
N7 ADP B . 7.58 0.17 -1.50
C5 ADP B . 8.92 0.40 -1.52
C6 ADP B . 9.92 -0.32 -2.15
N6 ADP B . 9.70 -1.39 -2.90
N1 ADP B . 11.19 0.02 -2.05
C2 ADP B . 11.45 1.11 -1.33
N3 ADP B . 10.55 1.90 -0.72
C4 ADP B . 9.28 1.51 -0.84
H5'1 ADP B . 4.80 3.64 0.42
H5'2 ADP B . 4.36 5.22 1.08
H4' ADP B . 6.70 5.47 2.04
H3' ADP B . 5.93 6.01 -0.57
HO3' ADP B . 8.06 6.71 -0.92
H2' ADP B . 6.23 3.71 -1.22
HO2' ADP B . 7.91 5.54 -2.26
H1' ADP B . 9.01 3.91 0.07
H8 ADP B . 6.10 1.41 -0.54
HN61 ADP B . 8.80 -1.83 -2.72
HN62 ADP B . 10.50 -1.98 -3.01
H2 ADP B . 12.49 1.41 -1.24
MG MG C . -0.67 3.41 4.48
#